data_4BU1
#
_entry.id   4BU1
#
_cell.length_a   65.439
_cell.length_b   76.844
_cell.length_c   92.136
_cell.angle_alpha   90.00
_cell.angle_beta   90.00
_cell.angle_gamma   90.00
#
_symmetry.space_group_name_H-M   'P 21 21 21'
#
loop_
_entity.id
_entity.type
_entity.pdbx_description
1 polymer 'S-M CHECKPOINT CONTROL PROTEIN RAD4'
2 polymer 'DNA REPAIR PROTEIN RHP9'
3 non-polymer 'PHOSPHATE ION'
4 non-polymer GLYCEROL
5 non-polymer 'PENTAETHYLENE GLYCOL'
6 non-polymer 1,2-ETHANEDIOL
7 water water
#
loop_
_entity_poly.entity_id
_entity_poly.type
_entity_poly.pdbx_seq_one_letter_code
_entity_poly.pdbx_strand_id
1 'polypeptide(L)'
;MGSSKPLKGFVICCTSIDLKQRTEISTKATKLGAAYRSDFTKDVTHLIAGDFDTPKYKFAAKSRPDIKIMSSEWIPVLYE
SWVQGEDLDDGLLVDKHLLPTLFKCRVCLTNIGQPERSRIENYVLKHGGTFCPDLTRDVTHLIAGTSSGRKYEYALKWKI
NVVCVEWLWQSIQRNAVLEPQYFQLD
;
A,B
2 'polypeptide(L)' GYGRVES(TPO)PPAFLP C,D
#
loop_
_chem_comp.id
_chem_comp.type
_chem_comp.name
_chem_comp.formula
1PE non-polymer 'PENTAETHYLENE GLYCOL' 'C10 H22 O6'
EDO non-polymer 1,2-ETHANEDIOL 'C2 H6 O2'
GOL non-polymer GLYCEROL 'C3 H8 O3'
PO4 non-polymer 'PHOSPHATE ION' 'O4 P -3'
#
# COMPACT_ATOMS: atom_id res chain seq x y z
N SER A 4 27.76 -9.98 -25.32
CA SER A 4 27.50 -11.08 -24.40
C SER A 4 26.00 -11.28 -24.17
N LYS A 5 25.57 -12.48 -23.77
CA LYS A 5 24.17 -12.73 -23.45
C LYS A 5 24.10 -13.23 -21.99
N PRO A 6 24.08 -12.27 -21.02
CA PRO A 6 24.12 -12.66 -19.60
C PRO A 6 23.00 -13.60 -19.13
N LEU A 7 21.81 -13.53 -19.74
CA LEU A 7 20.68 -14.34 -19.29
C LEU A 7 20.37 -15.51 -20.23
N LYS A 8 21.37 -15.97 -20.97
CA LYS A 8 21.20 -17.15 -21.83
C LYS A 8 20.78 -18.31 -20.93
N GLY A 9 19.74 -19.05 -21.33
CA GLY A 9 19.23 -20.16 -20.54
C GLY A 9 18.09 -19.81 -19.60
N PHE A 10 17.95 -18.52 -19.25
CA PHE A 10 16.86 -18.04 -18.39
C PHE A 10 15.55 -17.98 -19.18
N VAL A 11 14.45 -18.51 -18.61
CA VAL A 11 13.12 -18.47 -19.24
C VAL A 11 12.24 -17.66 -18.27
N ILE A 12 11.80 -16.47 -18.70
CA ILE A 12 11.12 -15.51 -17.82
C ILE A 12 9.67 -15.28 -18.17
N CYS A 13 8.82 -15.31 -17.15
CA CYS A 13 7.38 -15.06 -17.23
C CYS A 13 7.05 -14.03 -16.17
N CYS A 14 6.03 -13.19 -16.42
CA CYS A 14 5.56 -12.09 -15.57
C CYS A 14 4.16 -12.36 -15.04
N THR A 15 3.87 -11.87 -13.82
CA THR A 15 2.52 -11.93 -13.25
C THR A 15 2.23 -10.62 -12.46
N SER A 16 1.06 -10.01 -12.73
CA SER A 16 0.55 -8.76 -12.13
C SER A 16 1.59 -7.63 -12.21
N ILE A 17 2.02 -7.36 -13.45
CA ILE A 17 2.99 -6.33 -13.81
C ILE A 17 2.28 -5.34 -14.70
N ASP A 18 2.51 -4.03 -14.44
CA ASP A 18 1.97 -2.91 -15.22
C ASP A 18 2.33 -3.16 -16.69
N LEU A 19 1.39 -2.90 -17.61
CA LEU A 19 1.58 -3.16 -19.05
C LEU A 19 2.87 -2.52 -19.60
N LYS A 20 3.13 -1.23 -19.29
CA LYS A 20 4.33 -0.56 -19.80
C LYS A 20 5.57 -1.25 -19.29
N GLN A 21 5.64 -1.49 -17.97
CA GLN A 21 6.78 -2.15 -17.35
C GLN A 21 6.95 -3.59 -17.87
N ARG A 22 5.87 -4.34 -18.14
CA ARG A 22 5.96 -5.71 -18.65
C ARG A 22 6.56 -5.73 -20.05
N THR A 23 6.18 -4.74 -20.89
CA THR A 23 6.69 -4.55 -22.25
C THR A 23 8.21 -4.24 -22.20
N GLU A 24 8.65 -3.34 -21.27
CA GLU A 24 10.07 -3.01 -21.13
CA GLU A 24 10.07 -3.01 -21.14
C GLU A 24 10.85 -4.24 -20.61
N ILE A 25 10.23 -5.02 -19.68
CA ILE A 25 10.83 -6.23 -19.13
C ILE A 25 11.00 -7.25 -20.28
N SER A 26 9.95 -7.46 -21.12
CA SER A 26 10.07 -8.42 -22.24
C SER A 26 11.19 -8.04 -23.20
N THR A 27 11.35 -6.72 -23.48
CA THR A 27 12.36 -6.16 -24.39
C THR A 27 13.77 -6.30 -23.82
N LYS A 28 13.98 -5.77 -22.60
CA LYS A 28 15.28 -5.78 -21.93
C LYS A 28 15.74 -7.19 -21.62
N ALA A 29 14.83 -8.09 -21.20
CA ALA A 29 15.17 -9.50 -20.92
C ALA A 29 15.59 -10.23 -22.23
N THR A 30 14.91 -9.94 -23.37
CA THR A 30 15.28 -10.54 -24.68
C THR A 30 16.69 -10.03 -25.07
N LYS A 31 16.94 -8.72 -24.90
CA LYS A 31 18.25 -8.09 -25.19
C LYS A 31 19.35 -8.71 -24.31
N LEU A 32 19.01 -9.12 -23.06
CA LEU A 32 19.92 -9.78 -22.12
C LEU A 32 20.14 -11.28 -22.44
N GLY A 33 19.47 -11.81 -23.46
CA GLY A 33 19.62 -13.20 -23.88
C GLY A 33 18.63 -14.20 -23.30
N ALA A 34 17.64 -13.72 -22.52
CA ALA A 34 16.63 -14.59 -21.92
C ALA A 34 15.48 -14.91 -22.90
N ALA A 35 14.81 -16.05 -22.67
CA ALA A 35 13.59 -16.44 -23.36
C ALA A 35 12.41 -15.89 -22.56
N TYR A 36 11.65 -14.97 -23.16
CA TYR A 36 10.48 -14.40 -22.51
C TYR A 36 9.28 -15.29 -22.82
N ARG A 37 8.40 -15.52 -21.82
CA ARG A 37 7.16 -16.30 -21.95
C ARG A 37 5.97 -15.51 -21.45
N SER A 38 4.94 -15.33 -22.29
CA SER A 38 3.69 -14.64 -21.97
C SER A 38 2.87 -15.52 -21.03
N ASP A 39 2.79 -16.82 -21.37
CA ASP A 39 2.12 -17.89 -20.61
C ASP A 39 3.11 -18.56 -19.71
N PHE A 40 2.60 -19.13 -18.62
CA PHE A 40 3.39 -19.86 -17.66
C PHE A 40 3.63 -21.28 -18.21
N THR A 41 4.63 -21.42 -19.09
CA THR A 41 4.99 -22.68 -19.74
C THR A 41 5.94 -23.52 -18.85
N LYS A 42 6.05 -24.84 -19.12
CA LYS A 42 6.89 -25.77 -18.34
C LYS A 42 8.39 -25.41 -18.34
N ASP A 43 8.85 -24.67 -19.37
CA ASP A 43 10.27 -24.32 -19.48
C ASP A 43 10.65 -23.05 -18.67
N VAL A 44 9.66 -22.36 -18.05
CA VAL A 44 9.89 -21.15 -17.24
C VAL A 44 10.85 -21.50 -16.04
N THR A 45 11.85 -20.62 -15.81
CA THR A 45 12.80 -20.79 -14.70
C THR A 45 12.65 -19.66 -13.69
N HIS A 46 12.22 -18.45 -14.13
CA HIS A 46 12.08 -17.27 -13.28
C HIS A 46 10.75 -16.58 -13.47
N LEU A 47 9.99 -16.39 -12.37
CA LEU A 47 8.69 -15.70 -12.44
C LEU A 47 8.77 -14.35 -11.76
N ILE A 48 8.62 -13.27 -12.54
CA ILE A 48 8.59 -11.89 -12.01
C ILE A 48 7.15 -11.66 -11.55
N ALA A 49 6.96 -11.34 -10.27
CA ALA A 49 5.62 -11.16 -9.69
C ALA A 49 5.41 -9.80 -9.05
N GLY A 50 4.30 -9.16 -9.40
CA GLY A 50 3.87 -7.90 -8.81
C GLY A 50 2.88 -8.10 -7.69
N ASP A 51 2.31 -9.35 -7.60
CA ASP A 51 1.36 -9.76 -6.56
CA ASP A 51 1.33 -9.77 -6.61
C ASP A 51 1.41 -11.27 -6.39
N PHE A 52 0.95 -11.75 -5.22
CA PHE A 52 0.90 -13.19 -4.91
C PHE A 52 -0.48 -13.75 -5.26
N ASP A 53 -1.49 -12.86 -5.45
CA ASP A 53 -2.87 -13.23 -5.72
C ASP A 53 -3.16 -13.29 -7.24
N THR A 54 -2.55 -14.25 -7.93
CA THR A 54 -2.75 -14.50 -9.37
C THR A 54 -2.70 -15.99 -9.60
N PRO A 55 -3.40 -16.56 -10.62
CA PRO A 55 -3.25 -17.99 -10.91
C PRO A 55 -1.79 -18.39 -11.17
N LYS A 56 -0.98 -17.51 -11.81
CA LYS A 56 0.46 -17.80 -12.11
C LYS A 56 1.27 -17.92 -10.86
N TYR A 57 1.11 -16.99 -9.91
CA TYR A 57 1.84 -17.06 -8.65
C TYR A 57 1.43 -18.32 -7.89
N LYS A 58 0.12 -18.62 -7.81
CA LYS A 58 -0.42 -19.76 -7.09
C LYS A 58 0.06 -21.10 -7.69
N PHE A 59 0.34 -21.13 -8.99
CA PHE A 59 0.81 -22.35 -9.65
C PHE A 59 2.30 -22.53 -9.33
N ALA A 60 3.11 -21.46 -9.36
CA ALA A 60 4.52 -21.54 -9.00
C ALA A 60 4.68 -22.03 -7.54
N ALA A 61 3.87 -21.48 -6.62
CA ALA A 61 3.85 -21.78 -5.19
C ALA A 61 3.49 -23.23 -4.90
N LYS A 62 2.50 -23.74 -5.60
CA LYS A 62 2.02 -25.09 -5.38
C LYS A 62 2.79 -26.15 -6.20
N SER A 63 3.08 -25.91 -7.47
CA SER A 63 3.63 -26.94 -8.37
C SER A 63 5.05 -26.70 -8.95
N ARG A 64 5.68 -25.49 -8.73
CA ARG A 64 7.01 -25.24 -9.32
C ARG A 64 8.03 -24.69 -8.30
N PRO A 65 8.53 -25.54 -7.36
CA PRO A 65 9.52 -25.07 -6.37
C PRO A 65 10.93 -24.86 -6.93
N ASP A 66 11.18 -25.30 -8.18
CA ASP A 66 12.44 -25.13 -8.92
C ASP A 66 12.58 -23.69 -9.49
N ILE A 67 11.48 -22.94 -9.55
CA ILE A 67 11.41 -21.57 -10.07
C ILE A 67 11.74 -20.54 -8.96
N LYS A 68 12.46 -19.49 -9.34
CA LYS A 68 12.75 -18.38 -8.44
C LYS A 68 11.70 -17.28 -8.70
N ILE A 69 11.09 -16.74 -7.62
CA ILE A 69 10.13 -15.65 -7.74
C ILE A 69 10.92 -14.36 -7.57
N MET A 70 10.88 -13.53 -8.62
CA MET A 70 11.67 -12.31 -8.76
C MET A 70 10.85 -11.04 -8.67
N SER A 71 11.53 -9.96 -8.25
CA SER A 71 10.92 -8.65 -8.16
C SER A 71 10.81 -8.03 -9.54
N SER A 72 9.89 -7.04 -9.67
CA SER A 72 9.62 -6.26 -10.86
C SER A 72 10.84 -5.41 -11.25
N GLU A 73 11.75 -5.15 -10.30
CA GLU A 73 12.94 -4.31 -10.48
C GLU A 73 14.14 -5.11 -11.02
N TRP A 74 14.13 -6.46 -10.92
CA TRP A 74 15.24 -7.30 -11.38
C TRP A 74 15.71 -6.93 -12.79
N ILE A 75 14.84 -7.08 -13.82
CA ILE A 75 15.20 -6.83 -15.22
C ILE A 75 15.58 -5.33 -15.45
N PRO A 76 14.77 -4.29 -15.06
CA PRO A 76 15.22 -2.90 -15.29
C PRO A 76 16.59 -2.58 -14.66
N VAL A 77 16.89 -3.11 -13.44
CA VAL A 77 18.15 -2.84 -12.74
C VAL A 77 19.31 -3.63 -13.39
N LEU A 78 19.12 -4.94 -13.64
CA LEU A 78 20.14 -5.77 -14.28
C LEU A 78 20.44 -5.26 -15.72
N TYR A 79 19.40 -4.88 -16.51
CA TYR A 79 19.64 -4.32 -17.86
C TYR A 79 20.54 -3.09 -17.75
N GLU A 80 20.27 -2.19 -16.78
CA GLU A 80 21.04 -0.98 -16.50
C GLU A 80 22.47 -1.32 -16.10
N SER A 81 22.67 -2.25 -15.14
CA SER A 81 24.00 -2.71 -14.71
C SER A 81 24.82 -3.22 -15.91
N TRP A 82 24.19 -4.05 -16.77
CA TRP A 82 24.78 -4.64 -17.96
C TRP A 82 25.23 -3.58 -18.96
N VAL A 83 24.34 -2.62 -19.30
CA VAL A 83 24.63 -1.56 -20.28
C VAL A 83 25.63 -0.53 -19.71
N GLN A 84 25.72 -0.42 -18.36
CA GLN A 84 26.67 0.46 -17.68
C GLN A 84 28.07 -0.16 -17.59
N GLY A 85 28.18 -1.43 -17.99
CA GLY A 85 29.44 -2.17 -18.03
C GLY A 85 29.87 -2.79 -16.72
N GLU A 86 28.92 -3.18 -15.88
CA GLU A 86 29.18 -3.82 -14.59
C GLU A 86 29.43 -5.31 -14.74
N ASP A 87 30.22 -5.90 -13.83
CA ASP A 87 30.44 -7.36 -13.86
C ASP A 87 29.31 -8.00 -13.05
N LEU A 88 28.65 -9.01 -13.63
CA LEU A 88 27.48 -9.65 -13.04
C LEU A 88 27.75 -11.08 -12.53
N LEU A 92 23.68 -13.37 -11.31
CA LEU A 92 23.37 -12.25 -12.21
C LEU A 92 22.36 -11.33 -11.53
N LEU A 93 22.75 -10.88 -10.32
CA LEU A 93 21.99 -10.01 -9.41
C LEU A 93 20.62 -10.67 -9.04
N VAL A 94 20.50 -12.03 -9.24
CA VAL A 94 19.30 -12.83 -8.94
C VAL A 94 19.02 -12.73 -7.44
N ASP A 95 20.03 -13.04 -6.60
CA ASP A 95 19.99 -13.01 -5.13
C ASP A 95 19.54 -11.64 -4.60
N LYS A 96 20.10 -10.56 -5.16
CA LYS A 96 19.77 -9.19 -4.76
C LYS A 96 18.33 -8.81 -5.18
N HIS A 97 17.73 -9.53 -6.15
CA HIS A 97 16.40 -9.17 -6.60
C HIS A 97 15.35 -10.26 -6.42
N LEU A 98 15.63 -11.26 -5.57
CA LEU A 98 14.61 -12.28 -5.25
C LEU A 98 13.44 -11.59 -4.58
N LEU A 99 12.20 -11.99 -4.89
CA LEU A 99 11.06 -11.34 -4.26
C LEU A 99 11.00 -11.79 -2.80
N PRO A 100 10.85 -10.85 -1.82
CA PRO A 100 10.73 -11.27 -0.41
C PRO A 100 9.59 -12.29 -0.28
N THR A 101 9.77 -13.35 0.56
CA THR A 101 8.76 -14.41 0.70
C THR A 101 7.36 -13.88 0.97
N LEU A 102 7.27 -12.87 1.86
CA LEU A 102 5.97 -12.34 2.26
C LEU A 102 5.76 -10.95 1.69
N PHE A 103 6.14 -10.76 0.42
CA PHE A 103 5.93 -9.50 -0.29
C PHE A 103 4.43 -9.19 -0.34
N LYS A 104 4.07 -7.94 -0.01
CA LYS A 104 2.69 -7.41 0.04
C LYS A 104 1.81 -8.09 1.12
N CYS A 105 2.38 -8.93 2.00
CA CYS A 105 1.58 -9.53 3.08
C CYS A 105 1.52 -8.53 4.25
N ARG A 106 0.33 -8.34 4.80
CA ARG A 106 0.05 -7.45 5.94
C ARG A 106 -0.52 -8.36 6.96
N VAL A 107 0.34 -8.77 7.89
CA VAL A 107 0.06 -9.83 8.84
C VAL A 107 -0.28 -9.28 10.22
N CYS A 108 -1.49 -9.64 10.64
CA CYS A 108 -2.07 -9.33 11.94
C CYS A 108 -2.22 -10.65 12.70
N LEU A 109 -2.26 -10.59 14.05
CA LEU A 109 -2.39 -11.78 14.93
C LEU A 109 -3.54 -11.64 15.91
N THR A 110 -4.13 -12.78 16.32
CA THR A 110 -5.15 -12.78 17.37
C THR A 110 -5.04 -14.08 18.18
N ASN A 111 -5.30 -13.99 19.51
CA ASN A 111 -5.32 -15.11 20.47
C ASN A 111 -4.02 -15.93 20.44
N ILE A 112 -2.88 -15.23 20.32
CA ILE A 112 -1.52 -15.78 20.34
C ILE A 112 -0.81 -15.09 21.49
N GLY A 113 -0.36 -15.88 22.47
CA GLY A 113 0.33 -15.37 23.64
C GLY A 113 1.78 -15.01 23.39
N GLN A 114 2.47 -14.60 24.45
CA GLN A 114 3.89 -14.24 24.43
C GLN A 114 4.74 -15.48 24.85
N PRO A 115 5.95 -15.72 24.30
CA PRO A 115 6.71 -14.87 23.37
C PRO A 115 6.50 -15.21 21.89
N GLU A 116 5.55 -16.09 21.55
CA GLU A 116 5.27 -16.46 20.16
C GLU A 116 4.81 -15.27 19.33
N ARG A 117 3.99 -14.34 19.89
CA ARG A 117 3.55 -13.12 19.21
C ARG A 117 4.78 -12.30 18.71
N SER A 118 5.83 -12.17 19.54
CA SER A 118 7.08 -11.46 19.20
C SER A 118 7.84 -12.22 18.15
N ARG A 119 7.98 -13.55 18.35
CA ARG A 119 8.65 -14.44 17.41
C ARG A 119 8.02 -14.31 15.99
N ILE A 120 6.67 -14.37 15.90
CA ILE A 120 5.92 -14.29 14.65
C ILE A 120 6.19 -12.93 13.98
N GLU A 121 6.16 -11.83 14.75
CA GLU A 121 6.46 -10.48 14.23
C GLU A 121 7.89 -10.43 13.62
N ASN A 122 8.89 -11.00 14.32
CA ASN A 122 10.27 -11.04 13.88
C ASN A 122 10.40 -11.80 12.55
N TYR A 123 9.70 -12.94 12.39
CA TYR A 123 9.76 -13.72 11.14
C TYR A 123 9.02 -13.04 9.96
N VAL A 124 7.92 -12.32 10.24
CA VAL A 124 7.17 -11.56 9.23
C VAL A 124 8.06 -10.46 8.65
N LEU A 125 8.69 -9.65 9.53
CA LEU A 125 9.58 -8.55 9.14
C LEU A 125 10.80 -9.07 8.38
N LYS A 126 11.45 -10.14 8.88
CA LYS A 126 12.61 -10.80 8.26
C LYS A 126 12.29 -11.24 6.81
N HIS A 127 11.11 -11.86 6.57
CA HIS A 127 10.75 -12.36 5.25
C HIS A 127 9.94 -11.36 4.40
N GLY A 128 10.15 -10.07 4.65
CA GLY A 128 9.62 -8.96 3.86
C GLY A 128 8.15 -8.60 3.94
N GLY A 129 7.51 -9.00 5.02
CA GLY A 129 6.11 -8.67 5.25
C GLY A 129 5.96 -7.45 6.14
N THR A 130 4.71 -7.05 6.35
CA THR A 130 4.37 -5.94 7.23
C THR A 130 3.63 -6.54 8.40
N PHE A 131 4.08 -6.21 9.61
CA PHE A 131 3.44 -6.70 10.82
C PHE A 131 2.45 -5.65 11.28
N CYS A 132 1.20 -6.09 11.52
CA CYS A 132 0.12 -5.20 11.87
C CYS A 132 -0.41 -5.49 13.28
N PRO A 133 0.04 -4.74 14.33
CA PRO A 133 -0.50 -4.97 15.68
C PRO A 133 -2.04 -4.84 15.73
N ASP A 134 -2.59 -3.88 14.98
CA ASP A 134 -4.03 -3.63 14.87
C ASP A 134 -4.60 -4.21 13.61
N LEU A 135 -5.88 -4.68 13.68
CA LEU A 135 -6.59 -5.19 12.51
C LEU A 135 -7.25 -4.04 11.79
N THR A 136 -6.94 -3.87 10.51
CA THR A 136 -7.55 -2.84 9.64
C THR A 136 -7.96 -3.58 8.35
N ARG A 137 -8.74 -2.93 7.46
CA ARG A 137 -9.24 -3.56 6.24
C ARG A 137 -8.14 -3.91 5.22
N ASP A 138 -6.92 -3.31 5.35
CA ASP A 138 -5.76 -3.58 4.47
C ASP A 138 -4.92 -4.82 4.90
N VAL A 139 -5.26 -5.45 6.04
CA VAL A 139 -4.56 -6.67 6.49
C VAL A 139 -4.89 -7.81 5.49
N THR A 140 -3.87 -8.56 5.00
CA THR A 140 -4.09 -9.67 4.06
C THR A 140 -4.29 -11.00 4.81
N HIS A 141 -3.60 -11.17 5.93
CA HIS A 141 -3.64 -12.40 6.71
C HIS A 141 -3.80 -12.15 8.21
N LEU A 142 -4.82 -12.77 8.80
CA LEU A 142 -5.01 -12.75 10.25
C LEU A 142 -4.66 -14.16 10.76
N ILE A 143 -3.56 -14.25 11.51
CA ILE A 143 -3.12 -15.50 12.11
C ILE A 143 -3.82 -15.58 13.47
N ALA A 144 -4.66 -16.61 13.64
CA ALA A 144 -5.47 -16.79 14.83
C ALA A 144 -5.09 -18.02 15.59
N GLY A 145 -4.99 -17.90 16.92
CA GLY A 145 -4.73 -19.03 17.80
C GLY A 145 -6.00 -19.83 18.02
N THR A 146 -7.16 -19.13 17.98
CA THR A 146 -8.54 -19.66 18.13
C THR A 146 -9.50 -18.87 17.24
N SER A 147 -10.59 -19.52 16.82
CA SER A 147 -11.64 -18.93 15.99
C SER A 147 -12.67 -18.21 16.88
N SER A 148 -12.22 -17.13 17.55
CA SER A 148 -13.03 -16.31 18.45
C SER A 148 -12.42 -14.92 18.63
N GLY A 149 -13.25 -13.99 19.11
CA GLY A 149 -12.86 -12.64 19.42
C GLY A 149 -13.23 -11.61 18.38
N ARG A 150 -12.93 -10.35 18.71
CA ARG A 150 -13.22 -9.16 17.93
C ARG A 150 -12.38 -9.09 16.65
N LYS A 151 -11.07 -9.43 16.72
CA LYS A 151 -10.22 -9.44 15.52
C LYS A 151 -10.73 -10.50 14.54
N TYR A 152 -11.05 -11.69 15.05
CA TYR A 152 -11.58 -12.80 14.23
C TYR A 152 -12.91 -12.42 13.57
N GLU A 153 -13.88 -11.93 14.36
CA GLU A 153 -15.19 -11.56 13.86
C GLU A 153 -15.13 -10.49 12.78
N TYR A 154 -14.24 -9.47 12.91
CA TYR A 154 -14.14 -8.40 11.91
C TYR A 154 -13.36 -8.86 10.67
N ALA A 155 -12.37 -9.74 10.82
CA ALA A 155 -11.66 -10.24 9.65
C ALA A 155 -12.64 -10.97 8.71
N LEU A 156 -13.63 -11.67 9.29
CA LEU A 156 -14.66 -12.40 8.52
C LEU A 156 -15.56 -11.41 7.76
N LYS A 157 -15.99 -10.33 8.45
CA LYS A 157 -16.82 -9.25 7.90
C LYS A 157 -16.07 -8.53 6.78
N TRP A 158 -14.76 -8.28 6.97
CA TRP A 158 -13.92 -7.56 6.01
C TRP A 158 -13.26 -8.51 4.97
N LYS A 159 -13.66 -9.80 4.94
CA LYS A 159 -13.20 -10.83 3.99
C LYS A 159 -11.65 -11.00 3.98
N ILE A 160 -11.03 -10.87 5.17
CA ILE A 160 -9.58 -11.06 5.33
C ILE A 160 -9.35 -12.54 5.60
N ASN A 161 -8.26 -13.11 5.02
CA ASN A 161 -7.89 -14.51 5.26
C ASN A 161 -7.61 -14.74 6.74
N VAL A 162 -8.30 -15.71 7.34
CA VAL A 162 -8.09 -16.13 8.74
C VAL A 162 -7.41 -17.48 8.64
N VAL A 163 -6.20 -17.57 9.14
CA VAL A 163 -5.40 -18.78 9.01
C VAL A 163 -4.74 -19.17 10.32
N CYS A 164 -4.28 -20.42 10.46
CA CYS A 164 -3.51 -20.79 11.64
C CYS A 164 -2.03 -20.35 11.38
N VAL A 165 -1.16 -20.44 12.39
CA VAL A 165 0.24 -20.02 12.29
C VAL A 165 1.02 -20.82 11.23
N GLU A 166 0.54 -22.02 10.87
CA GLU A 166 1.21 -22.87 9.86
C GLU A 166 1.18 -22.24 8.46
N TRP A 167 0.23 -21.30 8.21
CA TRP A 167 0.26 -20.57 6.93
C TRP A 167 1.61 -19.88 6.81
N LEU A 168 2.04 -19.21 7.90
CA LEU A 168 3.29 -18.46 7.97
C LEU A 168 4.51 -19.35 7.85
N TRP A 169 4.55 -20.43 8.66
CA TRP A 169 5.69 -21.35 8.70
C TRP A 169 5.82 -22.10 7.43
N GLN A 170 4.69 -22.56 6.83
CA GLN A 170 4.80 -23.28 5.54
C GLN A 170 5.16 -22.33 4.40
N SER A 171 4.66 -21.06 4.42
CA SER A 171 5.02 -20.10 3.37
C SER A 171 6.55 -19.79 3.41
N ILE A 172 7.10 -19.57 4.62
CA ILE A 172 8.54 -19.29 4.83
C ILE A 172 9.41 -20.48 4.34
N GLN A 173 9.05 -21.72 4.72
CA GLN A 173 9.81 -22.92 4.30
C GLN A 173 9.75 -23.14 2.79
N ARG A 174 8.60 -22.82 2.16
CA ARG A 174 8.39 -22.95 0.72
C ARG A 174 9.00 -21.74 -0.01
N ASN A 175 9.25 -20.62 0.72
CA ASN A 175 9.80 -19.38 0.19
C ASN A 175 8.83 -18.75 -0.85
N ALA A 176 7.51 -18.82 -0.54
CA ALA A 176 6.42 -18.26 -1.37
C ALA A 176 5.14 -18.25 -0.57
N VAL A 177 4.27 -17.29 -0.84
CA VAL A 177 2.96 -17.18 -0.19
C VAL A 177 2.07 -18.38 -0.62
N LEU A 178 1.56 -19.15 0.37
CA LEU A 178 0.69 -20.29 0.11
C LEU A 178 -0.76 -19.86 0.31
N GLU A 179 -1.68 -20.59 -0.31
CA GLU A 179 -3.10 -20.26 -0.26
C GLU A 179 -3.72 -20.50 1.11
N PRO A 180 -4.73 -19.71 1.51
CA PRO A 180 -5.26 -19.83 2.89
C PRO A 180 -6.15 -21.05 3.17
N GLN A 181 -6.78 -21.67 2.14
CA GLN A 181 -7.73 -22.77 2.32
C GLN A 181 -7.12 -24.02 3.02
N TYR A 182 -5.80 -24.17 2.95
CA TYR A 182 -5.10 -25.29 3.56
C TYR A 182 -4.77 -25.03 5.03
N PHE A 183 -4.98 -23.79 5.49
CA PHE A 183 -4.62 -23.39 6.85
C PHE A 183 -5.82 -22.81 7.63
N GLN A 184 -7.01 -23.34 7.41
CA GLN A 184 -8.21 -22.88 8.12
C GLN A 184 -8.26 -23.45 9.54
N LEU A 185 -8.82 -22.68 10.49
CA LEU A 185 -8.95 -23.14 11.88
C LEU A 185 -10.02 -24.23 12.03
N SER B 4 9.41 25.97 28.50
CA SER B 4 9.46 25.75 27.06
C SER B 4 8.47 24.68 26.66
N LYS B 5 7.41 25.13 26.01
CA LYS B 5 6.35 24.28 25.48
C LYS B 5 6.25 24.65 24.01
N PRO B 6 7.08 24.00 23.14
CA PRO B 6 7.06 24.36 21.71
C PRO B 6 5.67 24.35 21.07
N LEU B 7 4.78 23.45 21.53
CA LEU B 7 3.47 23.32 20.90
C LEU B 7 2.35 23.90 21.73
N LYS B 8 2.62 24.91 22.55
CA LYS B 8 1.57 25.61 23.30
C LYS B 8 0.59 26.24 22.30
N GLY B 9 -0.71 26.10 22.54
CA GLY B 9 -1.74 26.60 21.62
C GLY B 9 -2.16 25.60 20.58
N PHE B 10 -1.37 24.52 20.36
CA PHE B 10 -1.73 23.48 19.40
C PHE B 10 -2.71 22.51 20.03
N VAL B 11 -3.80 22.21 19.32
CA VAL B 11 -4.78 21.24 19.79
C VAL B 11 -4.75 20.13 18.76
N ILE B 12 -4.30 18.93 19.16
CA ILE B 12 -4.07 17.79 18.24
C ILE B 12 -5.05 16.60 18.44
N CYS B 13 -5.60 16.11 17.31
CA CYS B 13 -6.48 14.95 17.23
C CYS B 13 -5.88 13.96 16.26
N CYS B 14 -6.09 12.65 16.46
CA CYS B 14 -5.56 11.59 15.59
C CYS B 14 -6.68 10.84 14.89
N THR B 15 -6.43 10.33 13.67
CA THR B 15 -7.38 9.47 12.95
C THR B 15 -6.61 8.37 12.18
N SER B 16 -7.09 7.11 12.32
CA SER B 16 -6.57 5.88 11.75
C SER B 16 -5.08 5.76 11.98
N ILE B 17 -4.71 5.76 13.28
CA ILE B 17 -3.33 5.65 13.76
C ILE B 17 -3.26 4.41 14.64
N ASP B 18 -2.21 3.62 14.46
CA ASP B 18 -1.96 2.40 15.23
C ASP B 18 -2.01 2.74 16.73
N LEU B 19 -2.63 1.88 17.57
CA LEU B 19 -2.79 2.17 19.00
C LEU B 19 -1.46 2.53 19.68
N LYS B 20 -0.40 1.73 19.48
CA LYS B 20 0.91 2.04 20.09
C LYS B 20 1.41 3.41 19.61
N GLN B 21 1.35 3.70 18.29
CA GLN B 21 1.82 4.99 17.76
C GLN B 21 0.95 6.16 18.23
N ARG B 22 -0.38 5.98 18.38
CA ARG B 22 -1.29 7.00 18.85
C ARG B 22 -1.05 7.36 20.32
N THR B 23 -0.74 6.35 21.16
CA THR B 23 -0.39 6.51 22.57
C THR B 23 0.93 7.33 22.67
N GLU B 24 1.93 6.97 21.81
CA GLU B 24 3.23 7.63 21.71
CA GLU B 24 3.22 7.66 21.77
C GLU B 24 3.01 9.11 21.31
N ILE B 25 2.14 9.34 20.30
CA ILE B 25 1.84 10.69 19.82
C ILE B 25 1.13 11.53 20.92
N SER B 26 0.14 10.95 21.64
CA SER B 26 -0.59 11.68 22.69
C SER B 26 0.34 12.11 23.82
N THR B 27 1.27 11.22 24.21
CA THR B 27 2.26 11.44 25.27
C THR B 27 3.25 12.54 24.88
N LYS B 28 3.92 12.37 23.74
CA LYS B 28 4.95 13.28 23.22
C LYS B 28 4.37 14.67 22.91
N ALA B 29 3.16 14.75 22.32
CA ALA B 29 2.49 16.03 22.03
C ALA B 29 2.17 16.79 23.32
N THR B 30 1.71 16.05 24.37
CA THR B 30 1.43 16.64 25.70
C THR B 30 2.75 17.18 26.30
N LYS B 31 3.84 16.40 26.20
CA LYS B 31 5.16 16.82 26.72
C LYS B 31 5.66 18.07 25.98
N LEU B 32 5.36 18.16 24.66
CA LEU B 32 5.72 19.29 23.80
C LEU B 32 4.84 20.52 24.09
N GLY B 33 3.79 20.35 24.86
CA GLY B 33 2.92 21.43 25.31
C GLY B 33 1.60 21.59 24.59
N ALA B 34 1.28 20.65 23.73
CA ALA B 34 0.03 20.64 22.98
C ALA B 34 -1.10 20.05 23.80
N ALA B 35 -2.35 20.37 23.41
CA ALA B 35 -3.57 19.83 23.98
C ALA B 35 -3.97 18.64 23.11
N TYR B 36 -4.14 17.46 23.73
CA TYR B 36 -4.51 16.27 22.96
C TYR B 36 -6.03 16.04 23.04
N ARG B 37 -6.65 15.69 21.92
CA ARG B 37 -8.09 15.41 21.88
C ARG B 37 -8.35 14.04 21.28
N SER B 38 -9.10 13.19 22.03
CA SER B 38 -9.50 11.83 21.60
C SER B 38 -10.60 11.94 20.58
N ASP B 39 -11.59 12.81 20.87
CA ASP B 39 -12.71 13.14 19.98
C ASP B 39 -12.36 14.39 19.16
N PHE B 40 -12.97 14.53 17.98
CA PHE B 40 -12.70 15.68 17.12
C PHE B 40 -13.55 16.86 17.61
N THR B 41 -13.01 17.57 18.60
CA THR B 41 -13.64 18.73 19.24
C THR B 41 -13.43 20.02 18.40
N LYS B 42 -14.24 21.05 18.66
CA LYS B 42 -14.26 22.35 17.97
C LYS B 42 -12.92 23.10 18.02
N ASP B 43 -12.14 22.89 19.09
CA ASP B 43 -10.87 23.59 19.35
C ASP B 43 -9.65 22.93 18.64
N VAL B 44 -9.84 21.76 17.99
CA VAL B 44 -8.79 21.04 17.24
C VAL B 44 -8.19 21.98 16.16
N THR B 45 -6.85 22.09 16.12
CA THR B 45 -6.14 22.91 15.14
C THR B 45 -5.40 22.01 14.14
N HIS B 46 -5.02 20.79 14.57
CA HIS B 46 -4.25 19.83 13.75
C HIS B 46 -4.78 18.43 13.85
N LEU B 47 -4.97 17.79 12.70
CA LEU B 47 -5.43 16.41 12.66
C LEU B 47 -4.36 15.53 12.05
N ILE B 48 -3.82 14.58 12.85
CA ILE B 48 -2.83 13.62 12.39
C ILE B 48 -3.62 12.48 11.78
N ALA B 49 -3.45 12.20 10.47
CA ALA B 49 -4.25 11.17 9.80
C ALA B 49 -3.43 10.04 9.17
N GLY B 50 -3.90 8.81 9.34
CA GLY B 50 -3.28 7.63 8.74
C GLY B 50 -4.02 7.17 7.50
N ASP B 51 -5.25 7.67 7.33
CA ASP B 51 -6.11 7.35 6.18
CA ASP B 51 -6.15 7.32 6.22
C ASP B 51 -7.06 8.49 5.93
N PHE B 52 -7.61 8.54 4.70
CA PHE B 52 -8.58 9.59 4.38
C PHE B 52 -9.99 9.01 4.57
N ASP B 53 -10.12 7.67 4.61
CA ASP B 53 -11.42 6.99 4.73
C ASP B 53 -11.84 6.79 6.21
N THR B 54 -12.11 7.91 6.91
CA THR B 54 -12.56 7.92 8.31
C THR B 54 -13.51 9.10 8.51
N PRO B 55 -14.53 8.97 9.42
CA PRO B 55 -15.41 10.13 9.72
C PRO B 55 -14.64 11.38 10.10
N LYS B 56 -13.51 11.26 10.86
CA LYS B 56 -12.70 12.41 11.29
C LYS B 56 -12.08 13.13 10.09
N TYR B 57 -11.40 12.40 9.18
CA TYR B 57 -10.81 13.00 7.99
C TYR B 57 -11.88 13.67 7.12
N LYS B 58 -13.03 12.98 6.91
CA LYS B 58 -14.14 13.47 6.12
C LYS B 58 -14.77 14.76 6.75
N PHE B 59 -14.75 14.86 8.10
CA PHE B 59 -15.28 16.06 8.76
C PHE B 59 -14.35 17.26 8.50
N ALA B 60 -13.04 17.05 8.67
CA ALA B 60 -12.01 18.07 8.46
C ALA B 60 -12.08 18.61 7.01
N ALA B 61 -12.12 17.68 6.01
CA ALA B 61 -12.17 17.96 4.57
C ALA B 61 -13.45 18.70 4.19
N LYS B 62 -14.56 18.33 4.81
CA LYS B 62 -15.82 18.99 4.48
C LYS B 62 -16.06 20.26 5.30
N SER B 63 -15.77 20.23 6.62
CA SER B 63 -16.18 21.34 7.47
C SER B 63 -15.06 22.09 8.19
N ARG B 64 -13.78 21.65 8.10
CA ARG B 64 -12.74 22.38 8.85
C ARG B 64 -11.55 22.80 7.95
N PRO B 65 -11.69 23.80 7.03
CA PRO B 65 -10.55 24.22 6.20
C PRO B 65 -9.48 25.00 6.98
N ASP B 66 -9.76 25.32 8.25
CA ASP B 66 -8.81 26.02 9.11
C ASP B 66 -7.77 25.05 9.72
N ILE B 67 -8.06 23.74 9.74
CA ILE B 67 -7.14 22.79 10.36
C ILE B 67 -6.11 22.27 9.38
N LYS B 68 -4.94 21.86 9.91
CA LYS B 68 -3.90 21.31 9.06
C LYS B 68 -3.90 19.83 9.23
N ILE B 69 -3.83 19.07 8.12
CA ILE B 69 -3.84 17.61 8.16
C ILE B 69 -2.39 17.18 8.09
N MET B 70 -1.96 16.45 9.12
CA MET B 70 -0.58 16.09 9.39
C MET B 70 -0.30 14.61 9.26
N SER B 71 0.97 14.32 8.96
CA SER B 71 1.54 12.99 8.85
C SER B 71 1.76 12.43 10.24
N SER B 72 1.74 11.07 10.35
CA SER B 72 1.98 10.30 11.57
C SER B 72 3.41 10.49 12.11
N GLU B 73 4.32 10.95 11.25
CA GLU B 73 5.74 11.17 11.59
C GLU B 73 6.00 12.54 12.23
N TRP B 74 5.10 13.52 12.06
CA TRP B 74 5.27 14.88 12.58
C TRP B 74 5.68 14.92 14.07
N ILE B 75 4.85 14.40 14.98
CA ILE B 75 5.14 14.43 16.43
C ILE B 75 6.38 13.58 16.78
N PRO B 76 6.51 12.29 16.40
CA PRO B 76 7.75 11.56 16.71
C PRO B 76 9.03 12.30 16.25
N VAL B 77 9.02 12.92 15.06
CA VAL B 77 10.17 13.63 14.49
C VAL B 77 10.45 14.93 15.26
N LEU B 78 9.41 15.77 15.48
CA LEU B 78 9.54 17.02 16.23
C LEU B 78 9.99 16.74 17.66
N TYR B 79 9.41 15.75 18.35
CA TYR B 79 9.78 15.40 19.74
C TYR B 79 11.25 15.00 19.83
N GLU B 80 11.71 14.09 18.96
CA GLU B 80 13.10 13.63 18.88
C GLU B 80 14.05 14.83 18.72
N SER B 81 13.74 15.74 17.78
CA SER B 81 14.52 16.95 17.49
C SER B 81 14.64 17.81 18.76
N TRP B 82 13.53 18.00 19.47
CA TRP B 82 13.43 18.77 20.71
C TRP B 82 14.30 18.19 21.82
N VAL B 83 14.10 16.89 22.17
CA VAL B 83 14.83 16.22 23.26
C VAL B 83 16.35 16.05 22.93
N GLN B 84 16.72 16.01 21.62
CA GLN B 84 18.11 15.90 21.18
C GLN B 84 18.84 17.23 21.28
N GLY B 85 18.10 18.29 21.62
CA GLY B 85 18.62 19.64 21.78
C GLY B 85 18.78 20.35 20.46
N GLU B 86 18.22 19.78 19.39
CA GLU B 86 18.29 20.36 18.06
C GLU B 86 17.47 21.64 18.01
N ASP B 87 17.78 22.51 17.05
CA ASP B 87 17.09 23.79 16.95
C ASP B 87 15.74 23.62 16.28
N LEU B 88 14.74 24.31 16.85
CA LEU B 88 13.33 24.34 16.46
C LEU B 88 12.98 25.75 16.02
N ASP B 89 12.52 25.93 14.77
CA ASP B 89 12.15 27.27 14.29
C ASP B 89 10.66 27.54 14.56
N ASP B 90 10.18 28.75 14.18
CA ASP B 90 8.80 29.20 14.34
C ASP B 90 7.84 28.23 13.66
N GLY B 91 8.34 27.52 12.64
CA GLY B 91 7.61 26.55 11.85
C GLY B 91 7.19 25.29 12.59
N LEU B 92 8.07 24.79 13.52
CA LEU B 92 7.89 23.59 14.37
C LEU B 92 7.64 22.32 13.53
N LEU B 93 8.28 22.30 12.33
CA LEU B 93 8.28 21.24 11.32
C LEU B 93 6.87 20.91 10.78
N VAL B 94 5.93 21.88 10.86
CA VAL B 94 4.56 21.69 10.39
C VAL B 94 4.56 21.57 8.85
N ASP B 95 5.19 22.53 8.15
CA ASP B 95 5.24 22.56 6.68
C ASP B 95 5.89 21.30 6.11
N LYS B 96 6.91 20.78 6.78
CA LYS B 96 7.64 19.57 6.38
C LYS B 96 6.82 18.30 6.58
N HIS B 97 5.89 18.32 7.55
CA HIS B 97 5.13 17.12 7.85
C HIS B 97 3.64 17.22 7.52
N LEU B 98 3.27 18.16 6.65
CA LEU B 98 1.90 18.29 6.14
C LEU B 98 1.59 17.05 5.34
N LEU B 99 0.45 16.42 5.62
CA LEU B 99 0.08 15.23 4.88
C LEU B 99 -0.16 15.60 3.43
N PRO B 100 0.42 14.83 2.47
CA PRO B 100 0.19 15.13 1.03
C PRO B 100 -1.31 15.18 0.72
N THR B 101 -1.73 16.09 -0.19
CA THR B 101 -3.15 16.29 -0.52
C THR B 101 -3.83 14.98 -0.90
N LEU B 102 -3.14 14.14 -1.70
CA LEU B 102 -3.69 12.90 -2.21
C LEU B 102 -3.01 11.70 -1.56
N PHE B 103 -2.77 11.82 -0.27
CA PHE B 103 -2.15 10.76 0.51
C PHE B 103 -2.97 9.47 0.36
N LYS B 104 -2.30 8.35 0.01
CA LYS B 104 -2.89 7.01 -0.15
C LYS B 104 -3.86 6.88 -1.35
N CYS B 105 -4.00 7.92 -2.18
CA CYS B 105 -4.84 7.84 -3.38
C CYS B 105 -4.04 7.13 -4.48
N ARG B 106 -4.68 6.16 -5.15
CA ARG B 106 -4.12 5.39 -6.26
C ARG B 106 -5.09 5.65 -7.37
N VAL B 107 -4.70 6.59 -8.25
CA VAL B 107 -5.59 7.18 -9.22
C VAL B 107 -5.34 6.61 -10.62
N CYS B 108 -6.42 6.07 -11.20
CA CYS B 108 -6.48 5.49 -12.54
C CYS B 108 -7.44 6.34 -13.35
N LEU B 109 -7.26 6.41 -14.68
CA LEU B 109 -8.10 7.17 -15.61
C LEU B 109 -8.68 6.30 -16.70
N THR B 110 -9.85 6.70 -17.24
CA THR B 110 -10.44 6.03 -18.40
C THR B 110 -11.16 7.06 -19.23
N ASN B 111 -11.14 6.87 -20.56
CA ASN B 111 -11.88 7.69 -21.54
C ASN B 111 -11.55 9.18 -21.47
N ILE B 112 -10.30 9.51 -21.12
CA ILE B 112 -9.75 10.86 -21.07
C ILE B 112 -8.64 10.87 -22.09
N GLY B 113 -8.69 11.86 -22.97
CA GLY B 113 -7.72 12.00 -24.04
C GLY B 113 -6.53 12.83 -23.64
N GLN B 114 -5.62 13.05 -24.61
CA GLN B 114 -4.39 13.82 -24.49
C GLN B 114 -4.63 15.26 -24.92
N PRO B 115 -4.02 16.30 -24.27
CA PRO B 115 -3.01 16.23 -23.19
C PRO B 115 -3.58 16.22 -21.77
N GLU B 116 -4.92 16.07 -21.61
CA GLU B 116 -5.53 16.08 -20.28
CA GLU B 116 -5.60 16.04 -20.31
C GLU B 116 -5.06 14.89 -19.44
N ARG B 117 -4.88 13.68 -20.06
CA ARG B 117 -4.38 12.48 -19.36
CA ARG B 117 -4.36 12.47 -19.39
C ARG B 117 -3.00 12.77 -18.72
N SER B 118 -2.08 13.44 -19.47
CA SER B 118 -0.74 13.79 -18.97
C SER B 118 -0.81 14.82 -17.87
N ARG B 119 -1.72 15.81 -18.02
CA ARG B 119 -1.93 16.87 -17.06
C ARG B 119 -2.37 16.30 -15.71
N ILE B 120 -3.40 15.42 -15.74
CA ILE B 120 -3.95 14.75 -14.57
C ILE B 120 -2.85 13.94 -13.87
N GLU B 121 -2.08 13.12 -14.61
CA GLU B 121 -0.97 12.34 -14.04
C GLU B 121 0.00 13.25 -13.25
N ASN B 122 0.42 14.37 -13.87
CA ASN B 122 1.35 15.31 -13.27
C ASN B 122 0.81 15.91 -11.98
N TYR B 123 -0.50 16.24 -11.91
CA TYR B 123 -1.10 16.83 -10.71
C TYR B 123 -1.28 15.77 -9.61
N VAL B 124 -1.55 14.53 -10.00
CA VAL B 124 -1.67 13.40 -9.06
C VAL B 124 -0.34 13.22 -8.34
N LEU B 125 0.77 13.09 -9.11
CA LEU B 125 2.14 12.89 -8.59
C LEU B 125 2.60 14.07 -7.74
N LYS B 126 2.31 15.31 -8.21
CA LYS B 126 2.65 16.56 -7.55
C LYS B 126 2.01 16.63 -6.15
N HIS B 127 0.73 16.25 -6.04
CA HIS B 127 0.02 16.35 -4.78
C HIS B 127 0.02 15.02 -3.97
N GLY B 128 1.07 14.24 -4.14
CA GLY B 128 1.36 13.03 -3.37
C GLY B 128 0.60 11.75 -3.63
N GLY B 129 -0.12 11.68 -4.75
CA GLY B 129 -0.86 10.49 -5.13
C GLY B 129 -0.01 9.52 -5.93
N THR B 130 -0.58 8.34 -6.22
CA THR B 130 0.05 7.30 -7.07
C THR B 130 -0.75 7.25 -8.36
N PHE B 131 -0.06 7.40 -9.51
CA PHE B 131 -0.74 7.32 -10.78
C PHE B 131 -0.67 5.89 -11.29
N CYS B 132 -1.84 5.34 -11.62
CA CYS B 132 -2.03 3.97 -12.05
C CYS B 132 -2.50 3.87 -13.51
N PRO B 133 -1.56 3.68 -14.47
CA PRO B 133 -1.98 3.52 -15.88
C PRO B 133 -3.00 2.38 -16.08
N ASP B 134 -2.81 1.28 -15.37
CA ASP B 134 -3.67 0.08 -15.38
C ASP B 134 -4.61 0.09 -14.21
N LEU B 135 -5.86 -0.40 -14.42
CA LEU B 135 -6.84 -0.54 -13.33
C LEU B 135 -6.60 -1.88 -12.63
N THR B 136 -6.36 -1.83 -11.32
CA THR B 136 -6.18 -3.01 -10.48
C THR B 136 -7.13 -2.78 -9.27
N ARG B 137 -7.35 -3.81 -8.43
CA ARG B 137 -8.29 -3.75 -7.29
C ARG B 137 -7.80 -2.81 -6.17
N ASP B 138 -6.53 -2.40 -6.22
CA ASP B 138 -5.90 -1.50 -5.25
C ASP B 138 -6.06 -0.02 -5.64
N VAL B 139 -6.66 0.28 -6.83
CA VAL B 139 -6.97 1.66 -7.23
C VAL B 139 -8.07 2.19 -6.28
N THR B 140 -7.88 3.37 -5.73
CA THR B 140 -8.88 4.01 -4.86
C THR B 140 -9.86 4.83 -5.70
N HIS B 141 -9.37 5.45 -6.79
CA HIS B 141 -10.20 6.34 -7.61
C HIS B 141 -10.00 6.17 -9.10
N LEU B 142 -11.09 5.97 -9.83
CA LEU B 142 -11.06 5.92 -11.29
C LEU B 142 -11.70 7.19 -11.82
N ILE B 143 -10.89 8.08 -12.42
CA ILE B 143 -11.39 9.30 -13.06
C ILE B 143 -11.86 8.90 -14.47
N ALA B 144 -13.19 8.98 -14.71
CA ALA B 144 -13.77 8.58 -15.98
C ALA B 144 -14.34 9.77 -16.74
N GLY B 145 -14.03 9.82 -18.04
CA GLY B 145 -14.52 10.84 -18.96
C GLY B 145 -15.96 10.57 -19.35
N THR B 146 -16.31 9.28 -19.45
CA THR B 146 -17.64 8.76 -19.78
C THR B 146 -17.85 7.49 -18.96
N SER B 147 -19.10 7.16 -18.66
CA SER B 147 -19.47 5.97 -17.90
C SER B 147 -19.62 4.75 -18.85
N SER B 148 -18.50 4.31 -19.46
CA SER B 148 -18.43 3.16 -20.38
C SER B 148 -17.01 2.60 -20.49
N GLY B 149 -16.92 1.40 -21.02
CA GLY B 149 -15.65 0.72 -21.23
C GLY B 149 -15.35 -0.29 -20.15
N ARG B 150 -14.28 -1.03 -20.36
CA ARG B 150 -13.82 -2.11 -19.50
C ARG B 150 -13.33 -1.64 -18.15
N LYS B 151 -12.56 -0.52 -18.10
CA LYS B 151 -12.08 0.03 -16.83
C LYS B 151 -13.26 0.43 -15.97
N TYR B 152 -14.24 1.14 -16.56
CA TYR B 152 -15.48 1.57 -15.88
C TYR B 152 -16.22 0.38 -15.28
N GLU B 153 -16.48 -0.65 -16.11
CA GLU B 153 -17.22 -1.85 -15.74
C GLU B 153 -16.54 -2.64 -14.62
N TYR B 154 -15.20 -2.76 -14.65
CA TYR B 154 -14.48 -3.51 -13.61
C TYR B 154 -14.36 -2.72 -12.32
N ALA B 155 -14.16 -1.39 -12.40
CA ALA B 155 -14.10 -0.53 -11.21
C ALA B 155 -15.36 -0.68 -10.38
N LEU B 156 -16.53 -0.75 -11.06
CA LEU B 156 -17.84 -0.93 -10.41
C LEU B 156 -17.95 -2.31 -9.73
N LYS B 157 -17.50 -3.37 -10.43
CA LYS B 157 -17.49 -4.74 -9.92
C LYS B 157 -16.54 -4.83 -8.71
N TRP B 158 -15.40 -4.11 -8.77
CA TRP B 158 -14.38 -4.09 -7.70
C TRP B 158 -14.63 -3.03 -6.64
N LYS B 159 -15.81 -2.38 -6.69
CA LYS B 159 -16.31 -1.38 -5.73
C LYS B 159 -15.32 -0.20 -5.54
N ILE B 160 -14.59 0.17 -6.61
CA ILE B 160 -13.65 1.30 -6.66
C ILE B 160 -14.45 2.53 -6.98
N ASN B 161 -14.11 3.69 -6.39
CA ASN B 161 -14.78 4.96 -6.68
C ASN B 161 -14.61 5.37 -8.13
N VAL B 162 -15.75 5.62 -8.82
CA VAL B 162 -15.78 6.11 -10.19
C VAL B 162 -16.18 7.57 -10.09
N VAL B 163 -15.26 8.46 -10.39
CA VAL B 163 -15.54 9.89 -10.24
C VAL B 163 -15.25 10.66 -11.52
N CYS B 164 -15.76 11.89 -11.62
CA CYS B 164 -15.37 12.74 -12.75
C CYS B 164 -14.07 13.47 -12.34
N VAL B 165 -13.44 14.20 -13.29
CA VAL B 165 -12.17 14.88 -13.02
C VAL B 165 -12.31 15.99 -11.96
N GLU B 166 -13.53 16.50 -11.68
CA GLU B 166 -13.71 17.52 -10.65
C GLU B 166 -13.40 17.00 -9.24
N TRP B 167 -13.43 15.65 -9.04
CA TRP B 167 -13.03 15.11 -7.74
C TRP B 167 -11.60 15.52 -7.47
N LEU B 168 -10.72 15.39 -8.49
CA LEU B 168 -9.30 15.70 -8.42
C LEU B 168 -9.06 17.16 -8.18
N TRP B 169 -9.64 18.03 -9.05
CA TRP B 169 -9.47 19.47 -9.00
C TRP B 169 -10.05 20.04 -7.73
N GLN B 170 -11.23 19.55 -7.27
CA GLN B 170 -11.75 20.11 -6.01
C GLN B 170 -10.92 19.63 -4.80
N SER B 171 -10.35 18.41 -4.85
CA SER B 171 -9.53 17.90 -3.75
C SER B 171 -8.24 18.70 -3.64
N ILE B 172 -7.64 19.05 -4.79
CA ILE B 172 -6.39 19.84 -4.89
C ILE B 172 -6.66 21.23 -4.32
N GLN B 173 -7.81 21.84 -4.69
CA GLN B 173 -8.15 23.20 -4.24
C GLN B 173 -8.42 23.22 -2.76
N ARG B 174 -9.02 22.15 -2.22
CA ARG B 174 -9.32 22.05 -0.79
C ARG B 174 -8.05 21.66 -0.03
N ASN B 175 -7.07 21.02 -0.69
CA ASN B 175 -5.83 20.54 -0.09
C ASN B 175 -6.15 19.35 0.86
N ALA B 176 -7.15 18.53 0.46
CA ALA B 176 -7.63 17.33 1.18
C ALA B 176 -8.44 16.46 0.24
N VAL B 177 -8.49 15.15 0.49
CA VAL B 177 -9.27 14.19 -0.29
C VAL B 177 -10.77 14.41 0.00
N LEU B 178 -11.56 14.63 -1.07
CA LEU B 178 -12.98 14.85 -0.87
C LEU B 178 -13.76 13.59 -1.20
N GLU B 179 -15.01 13.52 -0.73
CA GLU B 179 -15.82 12.30 -0.92
C GLU B 179 -16.28 12.12 -2.38
N PRO B 180 -16.44 10.84 -2.82
CA PRO B 180 -16.79 10.59 -4.24
C PRO B 180 -18.26 10.86 -4.64
N GLN B 181 -19.22 10.84 -3.70
CA GLN B 181 -20.65 10.99 -4.00
C GLN B 181 -21.06 12.33 -4.70
N TYR B 182 -20.24 13.37 -4.59
CA TYR B 182 -20.51 14.68 -5.19
C TYR B 182 -19.96 14.77 -6.61
N PHE B 183 -19.11 13.82 -6.98
CA PHE B 183 -18.42 13.79 -8.25
C PHE B 183 -18.79 12.55 -9.04
N GLN B 184 -20.05 12.14 -9.01
CA GLN B 184 -20.48 10.98 -9.79
C GLN B 184 -20.75 11.40 -11.23
N LEU B 185 -20.51 10.48 -12.17
CA LEU B 185 -20.79 10.73 -13.59
C LEU B 185 -22.29 10.62 -13.87
N GLY C 1 -11.14 1.70 17.11
CA GLY C 1 -11.20 2.84 16.20
C GLY C 1 -11.97 2.50 14.95
N TYR C 2 -12.17 3.52 14.08
CA TYR C 2 -12.88 3.33 12.82
C TYR C 2 -12.05 2.45 11.88
N GLY C 3 -12.67 1.38 11.41
CA GLY C 3 -12.07 0.38 10.54
C GLY C 3 -10.84 -0.25 11.17
N ARG C 4 -10.84 -0.36 12.52
CA ARG C 4 -9.70 -0.86 13.29
C ARG C 4 -10.13 -1.64 14.53
N VAL C 5 -9.47 -2.75 14.79
CA VAL C 5 -9.56 -3.59 15.99
C VAL C 5 -8.13 -3.59 16.56
N GLU C 6 -7.91 -2.76 17.60
CA GLU C 6 -6.60 -2.56 18.23
C GLU C 6 -6.01 -3.85 18.82
N SER C 7 -4.67 -3.88 18.87
CA SER C 7 -3.87 -4.97 19.41
C SER C 7 -4.34 -5.35 20.81
N TPO C 8 -4.39 -6.64 21.11
CA TPO C 8 -4.84 -7.11 22.42
CB TPO C 8 -4.96 -8.65 22.40
CG2 TPO C 8 -5.33 -9.19 23.77
OG1 TPO C 8 -5.99 -8.99 21.50
P TPO C 8 -5.51 -9.69 20.13
O1P TPO C 8 -4.94 -11.05 20.57
O2P TPO C 8 -6.74 -9.95 19.29
O3P TPO C 8 -4.42 -8.85 19.44
C TPO C 8 -3.80 -6.76 23.48
O TPO C 8 -2.62 -7.07 23.26
N PRO C 9 -4.19 -6.07 24.57
CA PRO C 9 -3.23 -5.73 25.64
C PRO C 9 -2.55 -6.99 26.19
N PRO C 10 -1.20 -7.00 26.42
CA PRO C 10 -0.52 -8.24 26.88
C PRO C 10 -1.14 -8.97 28.06
N ALA C 11 -1.87 -8.26 28.98
CA ALA C 11 -2.46 -8.91 30.16
C ALA C 11 -3.67 -9.77 29.82
N PHE C 12 -4.24 -9.57 28.62
CA PHE C 12 -5.45 -10.27 28.18
C PHE C 12 -5.11 -11.36 27.14
N LEU C 13 -3.81 -11.58 26.90
CA LEU C 13 -3.28 -12.58 25.96
C LEU C 13 -3.31 -14.00 26.55
N PRO C 14 -3.49 -15.06 25.69
CA PRO C 14 -3.49 -16.43 26.23
C PRO C 14 -2.09 -17.01 26.34
N GLY D 1 -5.00 -8.53 -18.03
CA GLY D 1 -4.31 -9.42 -17.10
C GLY D 1 -5.25 -9.81 -15.98
N TYR D 2 -4.84 -10.80 -15.15
CA TYR D 2 -5.64 -11.22 -14.01
C TYR D 2 -5.72 -10.05 -13.02
N GLY D 3 -6.95 -9.65 -12.71
CA GLY D 3 -7.26 -8.53 -11.83
C GLY D 3 -6.70 -7.22 -12.33
N ARG D 4 -6.64 -7.07 -13.65
CA ARG D 4 -6.05 -5.91 -14.28
C ARG D 4 -6.71 -5.56 -15.61
N VAL D 5 -7.05 -4.29 -15.78
CA VAL D 5 -7.53 -3.69 -17.04
C VAL D 5 -6.41 -2.72 -17.46
N GLU D 6 -5.59 -3.13 -18.42
CA GLU D 6 -4.44 -2.37 -18.92
C GLU D 6 -4.82 -1.00 -19.49
N SER D 7 -3.87 -0.05 -19.40
CA SER D 7 -3.96 1.32 -19.88
C SER D 7 -4.35 1.36 -21.34
N TPO D 8 -5.26 2.29 -21.69
CA TPO D 8 -5.74 2.44 -23.06
CB TPO D 8 -6.93 3.46 -23.13
CG2 TPO D 8 -7.49 3.76 -24.54
OG1 TPO D 8 -7.97 2.92 -22.33
P TPO D 8 -8.30 3.78 -21.06
O1P TPO D 8 -8.78 5.14 -21.52
O2P TPO D 8 -9.36 3.07 -20.34
O3P TPO D 8 -7.10 3.86 -20.17
C TPO D 8 -4.60 2.98 -23.93
O TPO D 8 -3.97 3.97 -23.57
N PRO D 9 -4.31 2.29 -25.05
CA PRO D 9 -3.26 2.75 -25.97
C PRO D 9 -3.55 4.17 -26.49
N PRO D 10 -2.54 5.09 -26.54
CA PRO D 10 -2.81 6.49 -26.97
C PRO D 10 -3.65 6.65 -28.24
N ALA D 11 -3.45 5.82 -29.29
CA ALA D 11 -4.20 5.89 -30.55
C ALA D 11 -5.70 5.60 -30.36
N PHE D 12 -6.08 5.02 -29.22
CA PHE D 12 -7.48 4.67 -28.98
C PHE D 12 -8.15 5.63 -27.99
N LEU D 13 -7.45 6.71 -27.61
CA LEU D 13 -7.96 7.73 -26.67
C LEU D 13 -8.95 8.69 -27.36
N PRO D 14 -10.05 9.09 -26.67
CA PRO D 14 -11.02 10.02 -27.30
C PRO D 14 -10.47 11.43 -27.43
P PO4 E . -0.92 -12.08 -15.43
O1 PO4 E . -0.04 -12.34 -16.67
O2 PO4 E . -0.64 -13.16 -14.34
O3 PO4 E . -0.58 -10.66 -14.84
O4 PO4 E . -2.42 -12.12 -15.82
C1 GOL F . 9.61 -3.70 -4.71
O1 GOL F . 9.32 -3.18 -6.00
C2 GOL F . 10.19 -5.10 -4.81
O2 GOL F . 9.35 -5.90 -5.64
C3 GOL F . 10.34 -5.75 -3.45
O3 GOL F . 11.32 -5.09 -2.65
OH2 1PE G . -15.02 -0.10 15.29
C12 1PE G . -14.55 -1.30 14.70
C22 1PE G . -14.32 -1.11 13.23
OH3 1PE G . -15.55 -0.91 12.57
C13 1PE G . -16.25 0.16 10.55
C23 1PE G . -15.63 0.33 11.90
OH4 1PE G . -15.28 -0.25 9.59
C14 1PE G . -16.12 0.66 7.50
C24 1PE G . -15.05 0.71 8.55
OH5 1PE G . -16.11 -0.60 6.86
C15 1PE G . -17.01 -2.06 5.23
C25 1PE G . -16.92 -0.65 5.70
OH6 1PE G . -15.77 -2.48 4.69
C16 1PE G . -14.63 -4.07 3.28
C26 1PE G . -15.81 -3.81 4.16
OH7 1PE G . -13.42 -4.21 4.03
C1 EDO H . -6.24 -10.27 0.87
O1 EDO H . -5.90 -11.43 0.10
C2 EDO H . -7.54 -10.50 1.70
O2 EDO H . -7.29 -11.38 2.79
C1 EDO I . -0.02 -19.26 22.34
O1 EDO I . -1.38 -18.95 22.16
C2 EDO I . 0.66 -19.33 20.97
O2 EDO I . 1.96 -19.92 21.10
P PO4 J . -10.19 7.11 14.71
O1 PO4 J . -10.55 8.13 13.57
O2 PO4 J . -11.46 6.20 14.94
O3 PO4 J . -8.96 6.27 14.24
O4 PO4 J . -9.81 7.84 16.02
C1 GOL K . 3.96 10.36 4.87
O1 GOL K . 3.05 11.14 4.10
C2 GOL K . 3.22 9.34 5.71
O2 GOL K . 2.31 10.00 6.59
C3 GOL K . 4.15 8.47 6.50
O3 GOL K . 3.41 7.50 7.24
OH2 1PE L . -14.33 -10.67 -11.85
C12 1PE L . -13.72 -10.01 -10.76
C22 1PE L . -14.31 -10.42 -9.45
OH3 1PE L . -13.73 -9.67 -8.39
C13 1PE L . -11.78 -10.50 -7.23
C23 1PE L . -13.28 -10.46 -7.29
OH4 1PE L . -11.25 -11.27 -8.30
C14 1PE L . -9.91 -11.38 -10.27
C24 1PE L . -10.37 -10.53 -9.14
OH5 1PE L . -9.86 -10.61 -11.45
C15 1PE L . -10.78 -10.33 -13.64
C25 1PE L . -10.40 -11.29 -12.57
OH6 1PE L . -9.61 -9.73 -14.18
C16 1PE L . -9.90 -8.93 -16.44
C26 1PE L . -9.88 -8.58 -14.98
OH7 1PE L . -8.83 -9.79 -16.78
C1 EDO M . -11.22 3.03 -1.94
O1 EDO M . -11.94 3.91 -1.08
C2 EDO M . -12.18 2.29 -2.90
O2 EDO M . -12.49 3.09 -4.03
C1 EDO N . -8.51 24.05 -14.45
O1 EDO N . -8.71 23.21 -15.56
C2 EDO N . -8.70 23.22 -13.16
O2 EDO N . -7.53 22.47 -12.92
C1 EDO O . -4.16 7.32 23.54
O1 EDO O . -4.38 8.42 24.41
C2 EDO O . -5.39 7.17 22.62
O2 EDO O . -5.55 5.82 22.27
C1 EDO P . -15.09 10.07 15.43
O1 EDO P . -15.64 11.31 15.00
C2 EDO P . -14.94 9.19 14.17
O2 EDO P . -14.59 7.86 14.48
C1 EDO Q . 14.50 20.15 26.28
O1 EDO Q . 15.70 20.11 25.53
C2 EDO Q . 13.84 18.74 26.26
O2 EDO Q . 13.14 18.52 27.47
C1 EDO R . -16.86 -6.99 -17.33
O1 EDO R . -16.45 -5.90 -18.12
C2 EDO R . -17.07 -6.53 -15.87
O2 EDO R . -17.53 -7.61 -15.08
C1 EDO S . -17.81 14.92 14.52
O1 EDO S . -17.94 16.24 15.03
C2 EDO S . -16.37 14.71 14.06
O2 EDO S . -16.22 13.39 13.59
C1 EDO T . -17.54 20.54 -2.55
O1 EDO T . -18.26 19.56 -1.79
C2 EDO T . -16.74 21.48 -1.63
O2 EDO T . -16.63 22.75 -2.22
C1 EDO U . -7.92 -3.48 23.15
O1 EDO U . -6.84 -2.68 22.71
C2 EDO U . -9.19 -3.17 22.33
O2 EDO U . -9.11 -3.76 21.04
#